data_2IJO
#
_entry.id   2IJO
#
_cell.length_a   46.050
_cell.length_b   72.177
_cell.length_c   79.417
_cell.angle_alpha   90.000
_cell.angle_beta   90.000
_cell.angle_gamma   90.000
#
_symmetry.space_group_name_H-M   'P 21 21 21'
#
loop_
_entity.id
_entity.type
_entity.pdbx_description
1 polymer Polyprotein
2 polymer Polyprotein
3 polymer 'Pancreatic trypsin inhibitor'
4 water water
#
loop_
_entity_poly.entity_id
_entity_poly.type
_entity_poly.pdbx_seq_one_letter_code
_entity_poly.pdbx_strand_id
1 'polypeptide(L)' MSTDMWIERTADISWESDAEITGSSERVDVRLDDDGNFQLMNDPGAPWAGGGGSGGGG A
2 'polypeptide(L)'
;GGVLWDTPSPKEYKKGDTTTGVYRIMTRGLLGSYQAGAGVMVEGVFHTLWHTTKGAALMSGEGRLDPYWGSVKEDRLCYG
GPWQLQHKWNGQDEVQMIVVEPGRNVKNVQTKPGVFKTPEGEIGAVTLDFPTGTSGSPIVDKNGDVIGLYGNGVIMPNGS
YISAIVQGERMDEPIPAGFEPEMLKGHHHHHH
;
B
3 'polypeptide(L)' RPDFCLEPPYTGPCKARIIRYFYNAKAGLCQTFVYGGCRAKRNNFKSAEDCMRTCGGA I
#
# COMPACT_ATOMS: atom_id res chain seq x y z
N SER A 2 -2.89 -7.14 -22.54
CA SER A 2 -3.19 -7.68 -21.19
C SER A 2 -2.55 -6.80 -20.12
N THR A 3 -2.54 -7.29 -18.88
CA THR A 3 -1.97 -6.55 -17.76
C THR A 3 -0.79 -7.32 -17.16
N ASP A 4 -0.13 -6.71 -16.18
CA ASP A 4 1.00 -7.37 -15.52
C ASP A 4 0.63 -7.76 -14.10
N MET A 5 -0.56 -7.37 -13.65
CA MET A 5 -1.00 -7.68 -12.30
C MET A 5 -2.42 -8.23 -12.23
N TRP A 6 -2.68 -9.04 -11.23
CA TRP A 6 -4.02 -9.61 -11.04
C TRP A 6 -4.29 -9.70 -9.55
N ILE A 7 -5.53 -10.01 -9.20
CA ILE A 7 -5.90 -10.13 -7.80
C ILE A 7 -6.53 -11.49 -7.50
N GLU A 8 -6.40 -11.92 -6.25
CA GLU A 8 -6.95 -13.20 -5.81
C GLU A 8 -7.52 -13.01 -4.41
N ARG A 9 -8.82 -13.31 -4.24
CA ARG A 9 -9.44 -13.18 -2.93
C ARG A 9 -8.69 -14.12 -1.99
N THR A 10 -8.46 -13.67 -0.75
CA THR A 10 -7.72 -14.48 0.21
C THR A 10 -8.37 -14.60 1.58
N ALA A 11 -9.41 -13.81 1.82
CA ALA A 11 -10.11 -13.86 3.10
C ALA A 11 -11.33 -12.96 3.13
N ASP A 12 -12.08 -13.04 4.22
CA ASP A 12 -13.27 -12.22 4.38
C ASP A 12 -12.88 -10.99 5.21
N ILE A 13 -13.70 -9.95 5.14
CA ILE A 13 -13.44 -8.74 5.90
C ILE A 13 -14.07 -8.91 7.28
N SER A 14 -13.28 -9.32 8.25
CA SER A 14 -13.81 -9.53 9.60
C SER A 14 -12.87 -9.16 10.73
N TRP A 15 -13.48 -8.97 11.89
CA TRP A 15 -12.77 -8.65 13.12
C TRP A 15 -12.53 -10.00 13.81
N GLU A 16 -11.38 -10.17 14.44
CA GLU A 16 -11.07 -11.41 15.13
C GLU A 16 -10.90 -11.13 16.61
N SER A 17 -11.86 -11.57 17.42
CA SER A 17 -11.82 -11.34 18.85
C SER A 17 -10.54 -11.82 19.53
N ASP A 18 -9.92 -12.86 18.99
CA ASP A 18 -8.70 -13.42 19.57
C ASP A 18 -7.43 -12.87 18.92
N ALA A 19 -7.56 -11.79 18.16
CA ALA A 19 -6.41 -11.18 17.49
C ALA A 19 -5.38 -10.68 18.51
N GLU A 20 -4.11 -10.87 18.18
CA GLU A 20 -3.02 -10.43 19.03
C GLU A 20 -3.04 -8.91 19.11
N ILE A 21 -2.59 -8.35 20.23
CA ILE A 21 -2.56 -6.91 20.39
C ILE A 21 -1.11 -6.46 20.46
N THR A 22 -0.77 -5.42 19.71
CA THR A 22 0.60 -4.90 19.71
C THR A 22 0.67 -3.48 19.15
N GLY A 23 1.87 -2.91 19.15
CA GLY A 23 2.06 -1.57 18.66
C GLY A 23 1.70 -0.52 19.69
N SER A 24 2.28 0.66 19.56
CA SER A 24 2.01 1.77 20.46
C SER A 24 1.17 2.84 19.77
N SER A 25 0.83 3.90 20.51
CA SER A 25 0.02 4.95 19.92
C SER A 25 0.53 6.36 20.20
N GLU A 26 1.74 6.66 19.71
CA GLU A 26 2.31 7.98 19.91
C GLU A 26 1.81 8.94 18.85
N ARG A 27 1.90 10.23 19.14
CA ARG A 27 1.48 11.27 18.22
C ARG A 27 2.73 11.79 17.56
N VAL A 28 2.69 11.94 16.24
CA VAL A 28 3.84 12.41 15.48
C VAL A 28 3.44 13.53 14.54
N ASP A 29 4.28 14.56 14.48
CA ASP A 29 4.03 15.70 13.60
C ASP A 29 4.63 15.44 12.22
N VAL A 30 3.76 15.41 11.21
CA VAL A 30 4.20 15.17 9.85
C VAL A 30 3.50 16.07 8.85
N ARG A 31 4.04 16.08 7.64
CA ARG A 31 3.50 16.86 6.54
C ARG A 31 3.29 15.89 5.38
N LEU A 32 2.27 16.10 4.57
CA LEU A 32 2.02 15.23 3.42
C LEU A 32 2.44 15.96 2.15
N ASP A 33 3.56 15.57 1.55
CA ASP A 33 4.00 16.25 0.34
C ASP A 33 3.13 15.92 -0.88
N ASP A 34 3.39 16.61 -1.98
CA ASP A 34 2.63 16.43 -3.21
C ASP A 34 2.84 15.09 -3.89
N ASP A 35 3.82 14.33 -3.42
CA ASP A 35 4.10 13.01 -3.97
C ASP A 35 3.24 11.96 -3.23
N GLY A 36 2.47 12.43 -2.26
CA GLY A 36 1.62 11.52 -1.50
C GLY A 36 2.37 10.86 -0.36
N ASN A 37 3.57 11.38 -0.07
CA ASN A 37 4.40 10.83 0.99
C ASN A 37 4.47 11.71 2.24
N PHE A 38 4.53 11.07 3.40
CA PHE A 38 4.60 11.79 4.66
C PHE A 38 6.03 12.18 5.07
N GLN A 39 6.18 13.43 5.48
CA GLN A 39 7.45 13.99 5.92
C GLN A 39 7.41 14.30 7.41
N LEU A 40 8.51 14.00 8.09
CA LEU A 40 8.61 14.24 9.52
C LEU A 40 8.85 15.70 9.90
N MET A 41 8.79 15.97 11.20
CA MET A 41 9.01 17.31 11.76
C MET A 41 7.99 18.31 11.27
N ASN A 42 7.06 17.85 10.45
CA ASN A 42 5.99 18.70 9.91
C ASN A 42 6.54 19.86 9.07
N GLY B 1 -5.78 17.26 -7.40
CA GLY B 1 -4.62 16.33 -7.33
C GLY B 1 -5.07 14.87 -7.49
N GLY B 2 -6.04 14.64 -8.36
CA GLY B 2 -6.55 13.29 -8.61
C GLY B 2 -6.84 13.07 -10.10
N VAL B 3 -7.24 11.86 -10.44
CA VAL B 3 -7.54 11.51 -11.83
C VAL B 3 -8.78 10.61 -11.91
N LEU B 4 -9.69 10.94 -12.83
CA LEU B 4 -10.90 10.16 -13.02
C LEU B 4 -10.79 9.34 -14.30
N TRP B 5 -11.38 8.15 -14.30
CA TRP B 5 -11.31 7.29 -15.47
C TRP B 5 -9.94 6.69 -15.65
N LYS B 14 -13.96 -7.67 -20.92
CA LYS B 14 -14.70 -8.51 -19.92
C LYS B 14 -14.48 -7.94 -18.52
N LYS B 15 -15.57 -7.80 -17.77
CA LYS B 15 -15.53 -7.28 -16.40
C LYS B 15 -15.11 -8.38 -15.43
N GLY B 16 -14.10 -8.10 -14.61
CA GLY B 16 -13.60 -9.09 -13.66
C GLY B 16 -14.47 -9.35 -12.45
N ASP B 17 -14.14 -10.40 -11.70
CA ASP B 17 -14.89 -10.75 -10.49
C ASP B 17 -14.78 -9.66 -9.43
N THR B 18 -15.84 -9.49 -8.64
CA THR B 18 -15.84 -8.47 -7.61
C THR B 18 -16.40 -9.00 -6.29
N THR B 19 -16.25 -10.30 -6.06
CA THR B 19 -16.71 -10.89 -4.82
C THR B 19 -16.12 -10.12 -3.63
N THR B 20 -16.99 -9.64 -2.75
CA THR B 20 -16.57 -8.89 -1.57
C THR B 20 -15.47 -9.65 -0.81
N GLY B 21 -14.48 -8.91 -0.32
CA GLY B 21 -13.41 -9.55 0.42
C GLY B 21 -12.04 -8.89 0.37
N VAL B 22 -11.08 -9.53 1.01
CA VAL B 22 -9.70 -9.07 1.07
C VAL B 22 -8.92 -9.76 -0.03
N TYR B 23 -8.14 -8.98 -0.78
CA TYR B 23 -7.36 -9.54 -1.89
C TYR B 23 -5.86 -9.30 -1.84
N ARG B 24 -5.14 -10.16 -2.56
CA ARG B 24 -3.70 -10.05 -2.69
C ARG B 24 -3.52 -9.53 -4.11
N ILE B 25 -2.63 -8.56 -4.28
CA ILE B 25 -2.35 -8.01 -5.61
C ILE B 25 -1.07 -8.73 -6.05
N MET B 26 -1.18 -9.54 -7.10
CA MET B 26 -0.03 -10.29 -7.60
C MET B 26 0.55 -9.72 -8.89
N THR B 27 1.77 -10.12 -9.19
CA THR B 27 2.47 -9.71 -10.41
C THR B 27 3.55 -10.75 -10.66
N ARG B 28 4.21 -10.69 -11.82
CA ARG B 28 5.26 -11.64 -12.15
C ARG B 28 6.60 -10.97 -12.39
N GLY B 29 7.64 -11.56 -11.83
CA GLY B 29 8.98 -11.03 -12.04
C GLY B 29 9.58 -11.91 -13.12
N LEU B 30 10.67 -11.47 -13.72
CA LEU B 30 11.31 -12.30 -14.75
C LEU B 30 11.58 -13.68 -14.14
N LEU B 31 11.58 -13.76 -12.82
CA LEU B 31 11.87 -15.03 -12.15
C LEU B 31 10.88 -15.46 -11.07
N GLY B 32 9.61 -15.56 -11.43
CA GLY B 32 8.62 -16.00 -10.45
C GLY B 32 7.44 -15.06 -10.24
N SER B 33 6.38 -15.60 -9.66
CA SER B 33 5.18 -14.83 -9.40
C SER B 33 5.16 -14.46 -7.92
N TYR B 34 4.75 -13.23 -7.60
CA TYR B 34 4.74 -12.81 -6.19
C TYR B 34 3.71 -11.73 -5.86
N GLN B 35 3.49 -11.52 -4.57
CA GLN B 35 2.55 -10.54 -4.07
C GLN B 35 3.17 -9.14 -3.97
N ALA B 36 2.58 -8.18 -4.66
CA ALA B 36 3.07 -6.81 -4.65
C ALA B 36 2.35 -6.00 -3.57
N GLY B 37 1.14 -6.41 -3.24
CA GLY B 37 0.39 -5.68 -2.25
C GLY B 37 -0.95 -6.34 -1.99
N ALA B 38 -1.92 -5.52 -1.60
CA ALA B 38 -3.25 -6.03 -1.30
C ALA B 38 -4.29 -4.95 -1.47
N GLY B 39 -5.53 -5.30 -1.18
CA GLY B 39 -6.62 -4.35 -1.30
C GLY B 39 -7.91 -4.97 -0.81
N VAL B 40 -9.00 -4.23 -0.89
CA VAL B 40 -10.27 -4.75 -0.44
C VAL B 40 -11.38 -4.52 -1.47
N MET B 41 -12.18 -5.54 -1.70
CA MET B 41 -13.29 -5.47 -2.64
C MET B 41 -14.55 -5.23 -1.81
N VAL B 42 -15.20 -4.09 -2.06
CA VAL B 42 -16.42 -3.75 -1.33
C VAL B 42 -17.44 -3.14 -2.30
N GLU B 43 -18.66 -3.67 -2.25
CA GLU B 43 -19.74 -3.21 -3.12
C GLU B 43 -19.33 -3.12 -4.58
N GLY B 44 -18.73 -4.20 -5.07
CA GLY B 44 -18.30 -4.25 -6.47
C GLY B 44 -17.10 -3.38 -6.83
N VAL B 45 -16.46 -2.78 -5.83
CA VAL B 45 -15.31 -1.93 -6.09
C VAL B 45 -14.05 -2.38 -5.36
N PHE B 46 -12.93 -2.35 -6.06
CA PHE B 46 -11.65 -2.75 -5.47
C PHE B 46 -10.88 -1.52 -5.04
N HIS B 47 -10.55 -1.46 -3.75
CA HIS B 47 -9.82 -0.33 -3.18
C HIS B 47 -8.40 -0.74 -2.78
N THR B 48 -7.45 0.14 -3.03
CA THR B 48 -6.07 -0.13 -2.65
C THR B 48 -5.33 1.19 -2.64
N LEU B 49 -4.03 1.16 -2.36
CA LEU B 49 -3.24 2.38 -2.35
C LEU B 49 -2.70 2.61 -3.75
N TRP B 50 -2.57 3.88 -4.13
CA TRP B 50 -2.08 4.21 -5.45
C TRP B 50 -0.72 3.59 -5.75
N HIS B 51 0.17 3.59 -4.76
CA HIS B 51 1.51 3.08 -5.01
C HIS B 51 1.69 1.58 -5.21
N THR B 52 0.64 0.79 -5.04
CA THR B 52 0.77 -0.66 -5.24
C THR B 52 0.72 -1.03 -6.72
N THR B 53 -0.15 -0.36 -7.47
CA THR B 53 -0.31 -0.63 -8.90
C THR B 53 -0.02 0.57 -9.81
N LYS B 54 0.03 1.77 -9.24
CA LYS B 54 0.29 2.98 -10.03
C LYS B 54 -0.80 3.14 -11.12
N GLY B 55 -2.02 2.75 -10.79
CA GLY B 55 -3.12 2.90 -11.73
C GLY B 55 -3.20 1.93 -12.90
N ALA B 56 -2.41 0.87 -12.87
CA ALA B 56 -2.43 -0.12 -13.95
C ALA B 56 -3.71 -0.95 -13.84
N ALA B 57 -4.14 -1.54 -14.96
CA ALA B 57 -5.34 -2.38 -14.96
C ALA B 57 -5.00 -3.71 -14.27
N LEU B 58 -6.01 -4.39 -13.74
CA LEU B 58 -5.81 -5.65 -13.04
C LEU B 58 -6.75 -6.74 -13.52
N MET B 59 -6.25 -7.98 -13.53
CA MET B 59 -7.08 -9.12 -13.89
C MET B 59 -7.72 -9.62 -12.60
N SER B 60 -8.98 -10.00 -12.70
CA SER B 60 -9.71 -10.51 -11.56
C SER B 60 -10.53 -11.69 -12.07
N GLY B 61 -10.03 -12.89 -11.86
CA GLY B 61 -10.73 -14.07 -12.32
C GLY B 61 -10.67 -14.10 -13.84
N GLU B 62 -11.83 -14.13 -14.49
CA GLU B 62 -11.88 -14.17 -15.94
C GLU B 62 -11.87 -12.78 -16.57
N GLY B 63 -12.28 -11.77 -15.82
CA GLY B 63 -12.32 -10.43 -16.35
C GLY B 63 -11.22 -9.48 -15.95
N ARG B 64 -11.31 -8.26 -16.48
CA ARG B 64 -10.35 -7.21 -16.23
C ARG B 64 -11.01 -6.12 -15.39
N LEU B 65 -10.21 -5.39 -14.61
CA LEU B 65 -10.72 -4.29 -13.81
C LEU B 65 -9.95 -3.06 -14.18
N ASP B 66 -10.65 -1.99 -14.55
CA ASP B 66 -10.00 -0.76 -14.91
C ASP B 66 -10.15 0.24 -13.79
N PRO B 67 -9.14 1.09 -13.58
CA PRO B 67 -9.22 2.08 -12.51
C PRO B 67 -10.31 3.12 -12.77
N TYR B 68 -11.03 3.45 -11.71
CA TYR B 68 -12.11 4.43 -11.79
C TYR B 68 -11.55 5.78 -11.38
N TRP B 69 -11.05 5.84 -10.14
CA TRP B 69 -10.49 7.05 -9.59
C TRP B 69 -9.21 6.77 -8.79
N GLY B 70 -8.32 7.74 -8.76
CA GLY B 70 -7.08 7.58 -8.02
C GLY B 70 -6.46 8.94 -7.77
N SER B 71 -5.68 9.05 -6.70
CA SER B 71 -5.01 10.31 -6.37
C SER B 71 -3.63 9.99 -5.84
N VAL B 72 -2.61 10.49 -6.52
CA VAL B 72 -1.24 10.25 -6.09
C VAL B 72 -1.07 10.86 -4.70
N LYS B 73 -1.41 12.15 -4.59
CA LYS B 73 -1.31 12.92 -3.35
C LYS B 73 -1.97 12.21 -2.16
N GLU B 74 -3.14 11.61 -2.39
CA GLU B 74 -3.82 10.91 -1.31
C GLU B 74 -3.43 9.44 -1.23
N ASP B 75 -2.70 8.97 -2.24
CA ASP B 75 -2.22 7.60 -2.33
C ASP B 75 -3.39 6.62 -2.26
N ARG B 76 -4.45 6.94 -2.98
CA ARG B 76 -5.63 6.08 -3.01
C ARG B 76 -6.08 5.78 -4.43
N LEU B 77 -6.61 4.58 -4.63
CA LEU B 77 -7.03 4.15 -5.95
C LEU B 77 -8.15 3.11 -5.88
N CYS B 78 -9.16 3.25 -6.74
CA CYS B 78 -10.25 2.27 -6.77
C CYS B 78 -10.59 1.85 -8.21
N TYR B 79 -11.03 0.61 -8.36
CA TYR B 79 -11.37 0.01 -9.66
C TYR B 79 -12.83 -0.44 -9.71
N GLY B 80 -13.42 -0.36 -10.89
CA GLY B 80 -14.80 -0.81 -11.08
C GLY B 80 -15.90 0.06 -10.52
N GLY B 81 -15.57 1.30 -10.16
CA GLY B 81 -16.57 2.19 -9.62
C GLY B 81 -15.96 3.16 -8.63
N PRO B 82 -16.76 4.10 -8.10
CA PRO B 82 -16.28 5.10 -7.13
C PRO B 82 -16.01 4.52 -5.75
N TRP B 83 -15.18 5.24 -4.98
CA TRP B 83 -14.80 4.85 -3.62
C TRP B 83 -16.02 4.58 -2.73
N GLN B 84 -16.15 3.33 -2.27
CA GLN B 84 -17.26 2.90 -1.44
C GLN B 84 -17.03 2.87 0.06
N LEU B 85 -15.77 3.02 0.48
CA LEU B 85 -15.45 2.99 1.91
C LEU B 85 -15.73 4.36 2.51
N GLN B 86 -16.37 4.40 3.68
CA GLN B 86 -16.67 5.68 4.30
C GLN B 86 -16.56 5.72 5.82
N HIS B 87 -16.16 4.60 6.42
CA HIS B 87 -16.02 4.54 7.87
C HIS B 87 -14.66 5.06 8.31
N LYS B 88 -14.65 5.86 9.38
CA LYS B 88 -13.41 6.42 9.90
C LYS B 88 -13.20 6.04 11.37
N TRP B 89 -11.95 6.12 11.81
CA TRP B 89 -11.60 5.81 13.19
C TRP B 89 -12.15 6.96 14.04
N ASN B 90 -12.71 6.64 15.20
CA ASN B 90 -13.28 7.69 16.06
C ASN B 90 -12.29 8.27 17.05
N GLY B 91 -11.00 7.97 16.87
CA GLY B 91 -9.98 8.50 17.74
C GLY B 91 -9.98 7.96 19.15
N GLN B 92 -10.78 6.92 19.40
CA GLN B 92 -10.87 6.35 20.74
C GLN B 92 -10.63 4.85 20.77
N ASP B 93 -11.51 4.11 20.12
CA ASP B 93 -11.44 2.66 20.10
C ASP B 93 -10.15 2.12 19.50
N GLU B 94 -9.88 0.85 19.80
CA GLU B 94 -8.73 0.18 19.25
C GLU B 94 -9.23 -0.32 17.91
N VAL B 95 -8.31 -0.63 17.00
CA VAL B 95 -8.70 -1.11 15.68
C VAL B 95 -7.98 -2.40 15.39
N GLN B 96 -8.28 -2.99 14.24
CA GLN B 96 -7.66 -4.22 13.83
C GLN B 96 -7.22 -4.13 12.38
N MET B 97 -6.03 -4.65 12.09
CA MET B 97 -5.52 -4.66 10.73
C MET B 97 -5.57 -6.08 10.22
N ILE B 98 -6.08 -6.25 9.02
CA ILE B 98 -6.14 -7.57 8.41
C ILE B 98 -4.86 -7.74 7.60
N VAL B 99 -3.84 -8.24 8.29
CA VAL B 99 -2.52 -8.44 7.71
C VAL B 99 -2.44 -9.43 6.56
N VAL B 100 -2.18 -8.89 5.37
CA VAL B 100 -2.05 -9.73 4.19
C VAL B 100 -0.57 -9.75 3.85
N GLU B 101 0.17 -10.60 4.57
CA GLU B 101 1.60 -10.71 4.36
C GLU B 101 1.92 -11.73 3.26
N PRO B 102 2.83 -11.38 2.36
CA PRO B 102 3.21 -12.27 1.26
C PRO B 102 3.64 -13.65 1.76
N GLY B 103 3.04 -14.70 1.20
CA GLY B 103 3.40 -16.05 1.60
C GLY B 103 2.91 -16.48 2.97
N ARG B 104 1.96 -15.75 3.52
CA ARG B 104 1.43 -16.08 4.84
C ARG B 104 -0.08 -15.95 4.81
N ASN B 105 -0.75 -16.72 5.67
CA ASN B 105 -2.19 -16.66 5.77
C ASN B 105 -2.56 -15.35 6.42
N VAL B 106 -3.71 -14.82 6.06
CA VAL B 106 -4.18 -13.57 6.63
C VAL B 106 -4.42 -13.72 8.14
N LYS B 107 -3.92 -12.76 8.92
CA LYS B 107 -4.13 -12.75 10.35
C LYS B 107 -4.46 -11.33 10.76
N ASN B 108 -5.33 -11.19 11.75
CA ASN B 108 -5.72 -9.89 12.25
C ASN B 108 -4.87 -9.52 13.47
N VAL B 109 -4.57 -8.24 13.60
CA VAL B 109 -3.79 -7.75 14.74
C VAL B 109 -4.55 -6.55 15.28
N GLN B 110 -4.58 -6.40 16.60
CA GLN B 110 -5.30 -5.30 17.21
C GLN B 110 -4.31 -4.27 17.73
N THR B 111 -4.71 -3.01 17.69
CA THR B 111 -3.84 -1.94 18.15
C THR B 111 -4.61 -0.64 18.46
N LYS B 112 -4.00 0.22 19.26
CA LYS B 112 -4.60 1.49 19.62
C LYS B 112 -3.88 2.49 18.73
N PRO B 113 -4.57 3.04 17.73
CA PRO B 113 -3.94 4.00 16.83
C PRO B 113 -3.29 5.18 17.53
N GLY B 114 -2.27 5.72 16.90
CA GLY B 114 -1.59 6.89 17.39
C GLY B 114 -2.11 7.95 16.45
N VAL B 115 -1.38 9.06 16.30
CA VAL B 115 -1.89 10.10 15.42
C VAL B 115 -0.84 10.88 14.65
N PHE B 116 -1.16 11.17 13.39
CA PHE B 116 -0.30 11.96 12.53
C PHE B 116 -0.88 13.36 12.63
N LYS B 117 -0.11 14.28 13.19
CA LYS B 117 -0.55 15.67 13.33
C LYS B 117 -0.04 16.43 12.13
N THR B 118 -0.95 16.80 11.23
CA THR B 118 -0.58 17.53 10.03
C THR B 118 -1.18 18.93 10.02
N PRO B 119 -0.57 19.85 9.26
CA PRO B 119 -1.08 21.22 9.17
C PRO B 119 -2.56 21.21 8.84
N GLU B 120 -2.96 20.30 7.95
CA GLU B 120 -4.35 20.17 7.53
C GLU B 120 -5.21 19.71 8.72
N GLY B 121 -4.69 18.75 9.49
CA GLY B 121 -5.43 18.23 10.63
C GLY B 121 -4.80 16.97 11.19
N GLU B 122 -5.60 16.14 11.85
CA GLU B 122 -5.09 14.90 12.43
C GLU B 122 -5.54 13.68 11.63
N ILE B 123 -4.65 12.70 11.55
CA ILE B 123 -4.92 11.45 10.83
C ILE B 123 -4.53 10.27 11.72
N GLY B 124 -5.43 9.29 11.84
CA GLY B 124 -5.13 8.12 12.64
C GLY B 124 -3.90 7.43 12.06
N ALA B 125 -3.12 6.78 12.91
CA ALA B 125 -1.91 6.12 12.45
C ALA B 125 -1.57 4.94 13.36
N VAL B 126 -1.04 3.87 12.77
CA VAL B 126 -0.70 2.68 13.55
C VAL B 126 0.80 2.39 13.48
N THR B 127 1.37 2.02 14.63
CA THR B 127 2.77 1.70 14.70
C THR B 127 2.96 0.20 14.57
N LEU B 128 2.77 -0.29 13.35
CA LEU B 128 2.90 -1.71 13.04
C LEU B 128 3.90 -1.82 11.90
N ASP B 129 4.89 -2.66 12.05
CA ASP B 129 5.92 -2.85 11.02
C ASP B 129 5.83 -4.25 10.43
N PHE B 130 5.18 -4.34 9.27
CA PHE B 130 5.03 -5.63 8.61
C PHE B 130 5.83 -5.67 7.34
N PRO B 131 6.11 -6.88 6.83
CA PRO B 131 6.89 -6.99 5.61
C PRO B 131 6.33 -6.20 4.44
N THR B 132 7.24 -5.88 3.54
CA THR B 132 6.97 -5.17 2.32
C THR B 132 6.00 -6.06 1.53
N GLY B 133 4.97 -5.47 0.95
CA GLY B 133 3.99 -6.26 0.22
C GLY B 133 2.65 -6.28 0.94
N THR B 134 2.58 -5.63 2.10
CA THR B 134 1.34 -5.59 2.86
C THR B 134 0.53 -4.31 2.60
N SER B 135 1.08 -3.40 1.81
CA SER B 135 0.37 -2.16 1.48
C SER B 135 -0.99 -2.53 0.90
N GLY B 136 -2.03 -1.86 1.38
CA GLY B 136 -3.37 -2.15 0.90
C GLY B 136 -4.18 -2.96 1.90
N SER B 137 -3.52 -3.57 2.87
CA SER B 137 -4.22 -4.36 3.89
C SER B 137 -5.22 -3.44 4.58
N PRO B 138 -6.47 -3.88 4.73
CA PRO B 138 -7.48 -3.04 5.39
C PRO B 138 -7.36 -3.01 6.90
N ILE B 139 -7.92 -1.97 7.48
CA ILE B 139 -7.96 -1.78 8.92
C ILE B 139 -9.45 -1.68 9.20
N VAL B 140 -9.93 -2.43 10.18
CA VAL B 140 -11.36 -2.41 10.49
C VAL B 140 -11.62 -2.04 11.94
N ASP B 141 -12.80 -1.48 12.18
CA ASP B 141 -13.20 -1.12 13.53
C ASP B 141 -13.99 -2.27 14.13
N LYS B 142 -14.63 -2.03 15.26
CA LYS B 142 -15.40 -3.07 15.94
C LYS B 142 -16.42 -3.81 15.09
N ASN B 143 -17.19 -3.08 14.30
CA ASN B 143 -18.23 -3.68 13.45
C ASN B 143 -17.70 -4.32 12.16
N GLY B 144 -16.38 -4.46 12.07
CA GLY B 144 -15.80 -5.05 10.88
C GLY B 144 -15.87 -4.19 9.64
N ASP B 145 -16.02 -2.88 9.82
CA ASP B 145 -16.08 -1.96 8.69
C ASP B 145 -14.69 -1.42 8.41
N VAL B 146 -14.36 -1.29 7.13
CA VAL B 146 -13.04 -0.80 6.75
C VAL B 146 -12.96 0.69 7.00
N ILE B 147 -12.03 1.10 7.85
CA ILE B 147 -11.85 2.49 8.17
C ILE B 147 -10.60 3.05 7.48
N GLY B 148 -9.89 2.20 6.76
CA GLY B 148 -8.69 2.66 6.08
C GLY B 148 -7.78 1.53 5.64
N LEU B 149 -6.68 1.89 4.98
CA LEU B 149 -5.70 0.91 4.50
C LEU B 149 -4.31 1.23 5.03
N TYR B 150 -3.47 0.20 5.10
CA TYR B 150 -2.10 0.29 5.59
C TYR B 150 -1.06 0.38 4.46
N GLY B 151 0.09 0.98 4.73
CA GLY B 151 1.12 1.02 3.70
C GLY B 151 1.81 2.34 3.39
N ASN B 152 1.13 3.44 3.62
CA ASN B 152 1.72 4.75 3.36
C ASN B 152 2.10 5.39 4.70
N GLY B 153 3.37 5.28 5.09
CA GLY B 153 3.79 5.83 6.36
C GLY B 153 5.19 6.41 6.38
N VAL B 154 5.82 6.40 7.55
CA VAL B 154 7.17 6.93 7.67
C VAL B 154 8.09 6.00 8.43
N ILE B 155 9.38 6.12 8.16
CA ILE B 155 10.40 5.34 8.84
C ILE B 155 11.01 6.30 9.86
N MET B 156 10.84 5.98 11.14
CA MET B 156 11.36 6.84 12.21
C MET B 156 12.84 6.61 12.43
N PRO B 157 13.54 7.61 12.99
CA PRO B 157 14.98 7.56 13.27
C PRO B 157 15.39 6.46 14.24
N ASN B 158 14.41 5.88 14.95
CA ASN B 158 14.71 4.82 15.91
C ASN B 158 14.43 3.43 15.33
N GLY B 159 14.19 3.36 14.03
CA GLY B 159 13.92 2.08 13.39
C GLY B 159 12.44 1.71 13.38
N SER B 160 11.61 2.61 13.91
CA SER B 160 10.18 2.39 13.96
C SER B 160 9.49 2.72 12.65
N TYR B 161 8.41 2.01 12.37
CA TYR B 161 7.63 2.31 11.17
C TYR B 161 6.23 2.67 11.62
N ILE B 162 5.71 3.79 11.15
CA ILE B 162 4.35 4.16 11.50
C ILE B 162 3.60 4.40 10.20
N SER B 163 2.46 3.76 10.06
CA SER B 163 1.66 3.91 8.86
C SER B 163 0.40 4.70 9.13
N ALA B 164 0.02 5.54 8.18
CA ALA B 164 -1.20 6.31 8.33
C ALA B 164 -2.34 5.35 8.05
N ILE B 165 -3.52 5.67 8.57
CA ILE B 165 -4.69 4.86 8.29
C ILE B 165 -5.28 5.63 7.12
N VAL B 166 -4.93 5.19 5.91
CA VAL B 166 -5.39 5.85 4.70
C VAL B 166 -6.85 5.55 4.40
N GLN B 167 -7.64 6.61 4.33
CA GLN B 167 -9.06 6.50 4.09
C GLN B 167 -9.59 7.70 3.30
N GLY B 168 -10.74 7.52 2.67
CA GLY B 168 -11.36 8.59 1.93
C GLY B 168 -12.87 8.55 2.11
N GLU B 169 -13.54 9.64 1.78
CA GLU B 169 -15.00 9.72 1.92
C GLU B 169 -15.67 8.94 0.79
N ARG B 170 -16.95 8.61 0.96
CA ARG B 170 -17.68 7.88 -0.06
C ARG B 170 -18.01 8.80 -1.23
N MET B 171 -17.50 8.47 -2.41
CA MET B 171 -17.72 9.26 -3.62
C MET B 171 -19.13 9.27 -4.19
N ASP B 172 -19.93 8.28 -3.85
CA ASP B 172 -21.30 8.18 -4.35
C ASP B 172 -22.25 9.18 -3.70
N GLU B 173 -22.26 9.20 -2.38
CA GLU B 173 -23.16 10.05 -1.64
C GLU B 173 -22.64 11.48 -1.42
N PRO B 174 -23.55 12.44 -1.16
CA PRO B 174 -23.16 13.82 -0.93
C PRO B 174 -22.37 13.94 0.39
N ILE B 175 -21.67 15.05 0.57
CA ILE B 175 -20.83 15.33 1.77
C ILE B 175 -21.49 15.74 3.12
N PRO B 176 -22.15 16.95 3.11
CA PRO B 176 -22.91 17.86 3.99
C PRO B 176 -23.27 17.42 5.41
N ARG C 1 29.97 5.39 -16.54
CA ARG C 1 28.61 5.08 -16.03
C ARG C 1 28.13 6.24 -15.16
N PRO C 2 26.81 6.43 -15.07
CA PRO C 2 26.29 7.52 -14.25
C PRO C 2 26.68 7.31 -12.78
N ASP C 3 26.81 8.40 -12.04
CA ASP C 3 27.19 8.33 -10.63
C ASP C 3 26.18 7.62 -9.73
N PHE C 4 24.89 7.78 -10.02
CA PHE C 4 23.85 7.16 -9.21
C PHE C 4 23.92 5.63 -9.28
N CYS C 5 24.79 5.12 -10.14
CA CYS C 5 24.96 3.67 -10.26
C CYS C 5 25.78 3.21 -9.06
N LEU C 6 26.30 4.19 -8.31
CA LEU C 6 27.10 3.91 -7.13
C LEU C 6 26.24 3.95 -5.86
N GLU C 7 25.08 4.58 -5.93
CA GLU C 7 24.22 4.68 -4.77
C GLU C 7 23.61 3.33 -4.42
N PRO C 8 23.51 3.03 -3.12
CA PRO C 8 22.94 1.77 -2.62
C PRO C 8 21.44 1.71 -2.92
N PRO C 9 20.87 0.50 -3.03
CA PRO C 9 19.44 0.39 -3.31
C PRO C 9 18.60 1.02 -2.20
N TYR C 10 17.45 1.58 -2.55
CA TYR C 10 16.58 2.24 -1.58
C TYR C 10 15.15 1.72 -1.66
N THR C 11 14.70 1.09 -0.57
CA THR C 11 13.35 0.54 -0.51
C THR C 11 12.27 1.61 -0.34
N GLY C 12 12.54 2.58 0.51
CA GLY C 12 11.57 3.64 0.73
C GLY C 12 10.63 3.37 1.89
N PRO C 13 9.75 4.32 2.20
CA PRO C 13 8.78 4.20 3.29
C PRO C 13 7.44 3.54 3.04
N CYS C 14 7.18 3.05 1.82
CA CYS C 14 5.90 2.41 1.57
C CYS C 14 5.99 0.89 1.66
N LYS C 15 4.86 0.22 1.86
CA LYS C 15 4.85 -1.23 2.02
C LYS C 15 4.41 -2.13 0.87
N ALA C 16 4.65 -1.73 -0.37
CA ALA C 16 4.32 -2.59 -1.49
C ALA C 16 5.59 -3.43 -1.68
N ARG C 17 5.51 -4.49 -2.48
CA ARG C 17 6.68 -5.31 -2.74
C ARG C 17 6.85 -5.31 -4.24
N ILE C 18 7.77 -4.47 -4.71
CA ILE C 18 8.04 -4.37 -6.14
C ILE C 18 9.50 -4.73 -6.34
N ILE C 19 9.75 -5.89 -6.94
CA ILE C 19 11.11 -6.32 -7.19
C ILE C 19 11.72 -5.45 -8.28
N ARG C 20 12.80 -4.76 -7.94
CA ARG C 20 13.48 -3.91 -8.92
C ARG C 20 14.93 -4.35 -8.98
N TYR C 21 15.70 -3.73 -9.87
CA TYR C 21 17.11 -4.07 -10.00
C TYR C 21 17.98 -2.87 -9.72
N PHE C 22 19.13 -3.11 -9.11
CA PHE C 22 20.06 -2.03 -8.85
C PHE C 22 21.44 -2.52 -9.24
N TYR C 23 22.33 -1.59 -9.55
CA TYR C 23 23.66 -1.98 -9.94
C TYR C 23 24.54 -2.05 -8.68
N ASN C 24 25.22 -3.18 -8.54
CA ASN C 24 26.12 -3.41 -7.42
C ASN C 24 27.54 -3.50 -7.98
N ALA C 25 28.29 -2.41 -7.85
CA ALA C 25 29.67 -2.37 -8.33
C ALA C 25 30.51 -3.54 -7.81
N LYS C 26 30.53 -3.73 -6.50
CA LYS C 26 31.31 -4.82 -5.91
C LYS C 26 31.13 -6.11 -6.70
N ALA C 27 29.91 -6.35 -7.17
CA ALA C 27 29.62 -7.55 -7.94
C ALA C 27 29.83 -7.26 -9.42
N GLY C 28 29.91 -5.97 -9.75
CA GLY C 28 30.08 -5.57 -11.13
C GLY C 28 28.80 -5.76 -11.93
N LEU C 29 27.83 -6.43 -11.31
CA LEU C 29 26.55 -6.70 -11.96
C LEU C 29 25.34 -6.12 -11.20
N CYS C 30 24.16 -6.32 -11.76
CA CYS C 30 22.94 -5.82 -11.17
C CYS C 30 22.26 -6.89 -10.36
N GLN C 31 21.65 -6.49 -9.25
CA GLN C 31 20.96 -7.43 -8.37
C GLN C 31 19.56 -6.91 -8.06
N THR C 32 18.67 -7.81 -7.66
CA THR C 32 17.32 -7.42 -7.33
C THR C 32 17.22 -6.95 -5.88
N PHE C 33 16.26 -6.08 -5.62
CA PHE C 33 15.98 -5.58 -4.28
C PHE C 33 14.51 -5.25 -4.24
N VAL C 34 13.96 -5.08 -3.05
CA VAL C 34 12.55 -4.76 -2.93
C VAL C 34 12.33 -3.25 -2.87
N TYR C 35 11.58 -2.74 -3.84
CA TYR C 35 11.23 -1.32 -3.88
C TYR C 35 9.84 -1.23 -3.27
N GLY C 36 9.68 -0.33 -2.28
CA GLY C 36 8.41 -0.17 -1.58
C GLY C 36 7.30 0.57 -2.30
N GLY C 37 7.59 1.17 -3.44
CA GLY C 37 6.55 1.87 -4.16
C GLY C 37 6.63 3.37 -4.11
N CYS C 38 7.41 3.93 -3.19
CA CYS C 38 7.49 5.38 -3.14
C CYS C 38 8.86 5.91 -2.75
N ARG C 39 9.21 7.09 -3.30
CA ARG C 39 10.48 7.78 -3.10
C ARG C 39 11.62 7.05 -3.81
N ALA C 40 11.37 6.49 -4.94
CA ALA C 40 12.42 5.78 -5.65
C ALA C 40 13.64 6.66 -5.91
N LYS C 41 14.82 6.04 -5.85
CA LYS C 41 16.07 6.73 -6.13
C LYS C 41 16.38 6.33 -7.56
N ARG C 42 17.49 6.82 -8.12
CA ARG C 42 17.84 6.47 -9.50
C ARG C 42 18.39 5.07 -9.71
N ASN C 43 19.11 4.53 -8.74
CA ASN C 43 19.63 3.17 -8.92
C ASN C 43 18.48 2.21 -8.66
N ASN C 44 17.51 2.23 -9.58
CA ASN C 44 16.29 1.43 -9.48
C ASN C 44 15.80 1.16 -10.91
N PHE C 45 15.87 -0.10 -11.36
CA PHE C 45 15.46 -0.45 -12.72
C PHE C 45 14.44 -1.57 -12.77
N LYS C 46 13.56 -1.53 -13.78
CA LYS C 46 12.53 -2.55 -13.93
C LYS C 46 13.04 -3.91 -14.38
N SER C 47 14.22 -3.94 -15.00
CA SER C 47 14.78 -5.22 -15.45
C SER C 47 16.29 -5.24 -15.30
N ALA C 48 16.87 -6.43 -15.42
CA ALA C 48 18.31 -6.56 -15.30
C ALA C 48 18.97 -6.00 -16.55
N GLU C 49 18.30 -6.12 -17.69
CA GLU C 49 18.83 -5.61 -18.95
C GLU C 49 18.95 -4.10 -18.90
N ASP C 50 17.89 -3.43 -18.48
CA ASP C 50 17.93 -1.97 -18.40
C ASP C 50 19.00 -1.48 -17.43
N CYS C 51 19.17 -2.21 -16.33
CA CYS C 51 20.18 -1.84 -15.34
C CYS C 51 21.58 -2.02 -15.93
N MET C 52 21.83 -3.15 -16.59
CA MET C 52 23.14 -3.39 -17.19
C MET C 52 23.44 -2.44 -18.35
N ARG C 53 22.43 -2.14 -19.16
CA ARG C 53 22.61 -1.22 -20.29
C ARG C 53 23.05 0.15 -19.79
N THR C 54 22.52 0.56 -18.65
CA THR C 54 22.83 1.87 -18.07
C THR C 54 24.06 1.89 -17.17
N CYS C 55 24.22 0.85 -16.36
CA CYS C 55 25.36 0.79 -15.45
C CYS C 55 26.35 -0.35 -15.75
N GLY C 56 26.28 -0.91 -16.95
CA GLY C 56 27.17 -2.00 -17.29
C GLY C 56 28.53 -1.59 -17.83
#